data_2RBT
#
_entry.id   2RBT
#
_cell.length_a   50.989
_cell.length_b   75.752
_cell.length_c   107.080
_cell.angle_alpha   90.00
_cell.angle_beta   90.00
_cell.angle_gamma   90.00
#
_symmetry.space_group_name_H-M   'P 21 21 21'
#
loop_
_entity.id
_entity.type
_entity.pdbx_description
1 polymer 'Cytochrome C Peroxidase'
2 non-polymer 'PHOSPHATE ION'
3 non-polymer 'PROTOPORPHYRIN IX CONTAINING FE'
4 non-polymer N-methyl-1-phenylmethanamine
5 non-polymer (4S)-2-METHYL-2,4-PENTANEDIOL
6 water water
#
_entity_poly.entity_id   1
_entity_poly.type   'polypeptide(L)'
_entity_poly.pdbx_seq_one_letter_code
;TLVHVASVEKGRSYEDFQKVYNAIALKLREDDEYDNYIGYGPVLVRLAWHISGTWDKHDNTGGSYGGTYRFKKEFNDPSN
AGLQNGFKFLEPIHKEFPWISSGDLFSLGGVTAVQEMQGPKIPWRCGRVDTPEDTTPDNGRLPDADKDAGYVRTFFQRLN
MNDREVVALMGAHALGKTHLKNSGYEGPGGAANNVFTNEFYLNLLNEDWKLEKNDANNEQWDSKSGYMMLPTDYSLIQDP
KYLSIVKEYANDQDKFFKDFSKAFEKLLEDGITFPKDAPSPFIFKTLEEQGL
;
_entity_poly.pdbx_strand_id   X
#
loop_
_chem_comp.id
_chem_comp.type
_chem_comp.name
_chem_comp.formula
271 non-polymer N-methyl-1-phenylmethanamine 'C8 H11 N'
HEM non-polymer 'PROTOPORPHYRIN IX CONTAINING FE' 'C34 H32 Fe N4 O4'
MPD non-polymer (4S)-2-METHYL-2,4-PENTANEDIOL 'C6 H14 O2'
PO4 non-polymer 'PHOSPHATE ION' 'O4 P -3'
#
# COMPACT_ATOMS: atom_id res chain seq x y z
N THR A 1 -20.65 -15.46 -4.48
CA THR A 1 -19.88 -14.56 -3.61
C THR A 1 -19.73 -15.09 -2.15
N LEU A 2 -18.50 -15.25 -1.69
CA LEU A 2 -18.23 -15.53 -0.29
C LEU A 2 -18.63 -14.33 0.56
N VAL A 3 -19.11 -14.55 1.79
CA VAL A 3 -19.32 -13.43 2.73
C VAL A 3 -18.30 -13.53 3.88
N HIS A 4 -17.59 -12.44 4.11
CA HIS A 4 -16.63 -12.36 5.21
C HIS A 4 -17.07 -11.28 6.15
N VAL A 5 -17.58 -11.68 7.31
CA VAL A 5 -18.14 -10.74 8.26
C VAL A 5 -17.06 -10.35 9.27
N ALA A 6 -16.86 -9.04 9.44
CA ALA A 6 -15.89 -8.54 10.42
C ALA A 6 -16.33 -8.94 11.82
N SER A 7 -15.38 -9.46 12.60
CA SER A 7 -15.65 -9.86 13.98
C SER A 7 -14.55 -9.30 14.87
N VAL A 8 -14.92 -8.38 15.73
CA VAL A 8 -13.96 -7.68 16.58
C VAL A 8 -13.24 -8.67 17.48
N GLU A 9 -11.92 -8.58 17.52
CA GLU A 9 -11.13 -9.41 18.44
C GLU A 9 -11.68 -9.26 19.84
N LYS A 10 -11.86 -10.40 20.52
CA LYS A 10 -12.77 -10.38 21.68
CA LYS A 10 -12.73 -10.43 21.69
C LYS A 10 -12.35 -9.39 22.76
N GLY A 11 -13.29 -8.51 23.10
CA GLY A 11 -13.14 -7.52 24.12
C GLY A 11 -12.28 -6.32 23.78
N ARG A 12 -11.77 -6.25 22.55
CA ARG A 12 -10.83 -5.19 22.20
C ARG A 12 -11.56 -3.94 21.76
N SER A 13 -10.89 -2.80 21.94
CA SER A 13 -11.44 -1.50 21.59
C SER A 13 -10.32 -0.59 21.08
N TYR A 14 -10.66 0.65 20.80
CA TYR A 14 -9.69 1.60 20.23
CA TYR A 14 -9.70 1.61 20.25
C TYR A 14 -8.33 1.56 20.92
N GLU A 15 -8.30 1.62 22.23
CA GLU A 15 -7.07 1.70 22.99
C GLU A 15 -6.14 0.53 22.68
N ASP A 16 -6.70 -0.67 22.54
CA ASP A 16 -5.88 -1.84 22.21
C ASP A 16 -5.20 -1.66 20.87
N PHE A 17 -5.94 -1.18 19.87
CA PHE A 17 -5.34 -1.01 18.54
C PHE A 17 -4.39 0.18 18.48
N GLN A 18 -4.64 1.21 19.29
CA GLN A 18 -3.68 2.32 19.37
C GLN A 18 -2.36 1.82 19.96
N LYS A 19 -2.41 0.85 20.90
CA LYS A 19 -1.17 0.28 21.41
C LYS A 19 -0.39 -0.50 20.35
N VAL A 20 -1.11 -1.21 19.48
CA VAL A 20 -0.45 -1.93 18.39
C VAL A 20 0.18 -0.92 17.40
N TYR A 21 -0.62 0.06 17.00
CA TYR A 21 -0.11 1.20 16.19
C TYR A 21 1.15 1.74 16.79
N ASN A 22 1.12 2.01 18.09
CA ASN A 22 2.28 2.65 18.71
C ASN A 22 3.50 1.76 18.67
N ALA A 23 3.32 0.47 18.88
CA ALA A 23 4.44 -0.47 18.82
C ALA A 23 5.04 -0.53 17.43
N ILE A 24 4.19 -0.54 16.39
CA ILE A 24 4.68 -0.49 15.01
C ILE A 24 5.44 0.82 14.76
N ALA A 25 4.87 1.93 15.21
CA ALA A 25 5.44 3.24 14.98
C ALA A 25 6.78 3.38 15.70
N LEU A 26 6.89 2.87 16.91
CA LEU A 26 8.15 2.92 17.67
C LEU A 26 9.22 2.10 17.00
N LYS A 27 8.84 0.95 16.46
CA LYS A 27 9.78 0.09 15.75
C LYS A 27 10.21 0.71 14.43
N LEU A 28 9.29 1.42 13.75
CA LEU A 28 9.68 2.16 12.57
C LEU A 28 10.77 3.20 12.85
N ARG A 29 10.62 3.88 13.98
CA ARG A 29 11.60 4.86 14.39
CA ARG A 29 11.62 4.83 14.44
C ARG A 29 12.93 4.17 14.77
N GLU A 30 12.87 3.01 15.44
CA GLU A 30 14.07 2.32 15.95
C GLU A 30 14.90 1.67 14.85
N ASP A 31 14.24 0.95 13.97
CA ASP A 31 14.91 0.15 12.95
C ASP A 31 15.12 0.98 11.68
N ASP A 32 15.89 2.04 11.83
CA ASP A 32 16.00 3.09 10.82
C ASP A 32 16.96 2.80 9.69
N GLU A 33 17.79 1.77 9.84
CA GLU A 33 18.88 1.54 8.89
C GLU A 33 18.40 0.83 7.66
N TYR A 34 17.25 0.16 7.74
CA TYR A 34 16.79 -0.72 6.69
C TYR A 34 16.75 -0.03 5.33
N ASP A 35 17.22 -0.75 4.32
CA ASP A 35 17.18 -0.30 2.92
C ASP A 35 17.89 1.03 2.77
N ASN A 36 19.17 1.05 3.20
CA ASN A 36 19.96 2.26 3.14
C ASN A 36 19.29 3.48 3.73
N TYR A 37 18.72 3.28 4.92
CA TYR A 37 18.11 4.33 5.72
C TYR A 37 16.78 4.88 5.17
N ILE A 38 16.17 4.19 4.21
CA ILE A 38 14.77 4.47 3.89
C ILE A 38 13.88 4.13 5.08
N GLY A 39 14.22 3.05 5.78
CA GLY A 39 13.38 2.54 6.87
C GLY A 39 12.27 1.65 6.32
N TYR A 40 11.47 1.08 7.21
CA TYR A 40 10.47 0.07 6.85
C TYR A 40 9.14 0.65 6.39
N GLY A 41 8.96 1.96 6.42
CA GLY A 41 7.63 2.50 6.09
C GLY A 41 7.14 2.08 4.72
N PRO A 42 7.94 2.30 3.68
CA PRO A 42 7.46 1.94 2.34
C PRO A 42 7.10 0.48 2.19
N VAL A 43 7.97 -0.41 2.63
CA VAL A 43 7.68 -1.83 2.46
C VAL A 43 6.39 -2.23 3.24
N LEU A 44 6.11 -1.60 4.37
CA LEU A 44 4.88 -1.93 5.09
C LEU A 44 3.64 -1.43 4.32
N VAL A 45 3.74 -0.28 3.66
CA VAL A 45 2.66 0.17 2.80
C VAL A 45 2.44 -0.81 1.65
N ARG A 46 3.52 -1.24 1.02
CA ARG A 46 3.39 -2.22 -0.05
C ARG A 46 2.79 -3.54 0.44
N LEU A 47 3.21 -3.99 1.61
CA LEU A 47 2.63 -5.23 2.16
C LEU A 47 1.11 -5.08 2.31
N ALA A 48 0.67 -3.98 2.92
CA ALA A 48 -0.78 -3.78 3.14
C ALA A 48 -1.54 -3.82 1.80
N TRP A 49 -0.96 -3.19 0.79
CA TRP A 49 -1.57 -3.20 -0.54
C TRP A 49 -1.57 -4.59 -1.15
N HIS A 50 -0.46 -5.32 -1.10
CA HIS A 50 -0.42 -6.63 -1.75
C HIS A 50 -1.31 -7.66 -1.07
N ILE A 51 -1.51 -7.56 0.23
CA ILE A 51 -2.41 -8.50 0.89
C ILE A 51 -3.85 -8.18 0.58
N SER A 52 -4.13 -6.93 0.21
CA SER A 52 -5.45 -6.49 -0.19
C SER A 52 -5.75 -6.68 -1.68
N GLY A 53 -4.70 -6.54 -2.49
CA GLY A 53 -4.82 -6.49 -3.94
C GLY A 53 -5.02 -7.79 -4.64
N THR A 54 -5.09 -8.87 -3.87
CA THR A 54 -5.50 -10.17 -4.39
C THR A 54 -7.02 -10.28 -4.53
N TRP A 55 -7.76 -9.31 -4.05
CA TRP A 55 -9.22 -9.39 -4.04
C TRP A 55 -9.78 -9.49 -5.47
N ASP A 56 -10.87 -10.23 -5.62
CA ASP A 56 -11.60 -10.25 -6.86
C ASP A 56 -13.06 -9.97 -6.51
N LYS A 57 -13.58 -8.82 -6.99
CA LYS A 57 -14.95 -8.43 -6.72
C LYS A 57 -15.98 -9.44 -7.23
N HIS A 58 -15.62 -10.25 -8.22
CA HIS A 58 -16.59 -11.16 -8.84
C HIS A 58 -17.03 -12.30 -7.95
N ASP A 59 -16.13 -12.81 -7.12
CA ASP A 59 -16.46 -13.90 -6.22
C ASP A 59 -16.02 -13.69 -4.76
N ASN A 60 -15.44 -12.53 -4.45
N ASN A 60 -15.54 -12.50 -4.43
CA ASN A 60 -15.03 -12.18 -3.09
CA ASN A 60 -14.96 -12.18 -3.11
C ASN A 60 -13.87 -13.08 -2.62
C ASN A 60 -13.93 -13.19 -2.62
N THR A 61 -13.09 -13.65 -3.54
CA THR A 61 -11.90 -14.39 -3.17
C THR A 61 -10.76 -13.39 -2.94
N GLY A 62 -9.69 -13.82 -2.25
CA GLY A 62 -8.59 -12.91 -1.93
C GLY A 62 -9.03 -11.85 -0.96
N GLY A 63 -8.27 -10.75 -0.97
CA GLY A 63 -8.51 -9.63 -0.08
C GLY A 63 -7.82 -9.76 1.27
N SER A 64 -7.85 -8.68 2.04
CA SER A 64 -7.16 -8.63 3.33
C SER A 64 -7.75 -9.51 4.41
N TYR A 65 -9.04 -9.82 4.32
CA TYR A 65 -9.74 -10.40 5.46
C TYR A 65 -9.05 -11.61 6.07
N GLY A 66 -8.61 -12.54 5.23
CA GLY A 66 -8.20 -13.84 5.74
C GLY A 66 -6.78 -13.94 6.22
N GLY A 67 -5.97 -12.91 5.98
CA GLY A 67 -4.59 -12.96 6.45
C GLY A 67 -3.74 -14.00 5.77
N THR A 68 -4.06 -14.30 4.53
CA THR A 68 -3.52 -15.50 3.86
C THR A 68 -2.06 -15.36 3.41
N TYR A 69 -1.49 -14.16 3.45
CA TYR A 69 -0.10 -13.93 3.13
C TYR A 69 0.82 -14.74 4.06
N ARG A 70 0.32 -15.11 5.24
CA ARG A 70 1.10 -15.99 6.15
C ARG A 70 1.33 -17.39 5.62
N PHE A 71 0.62 -17.80 4.56
CA PHE A 71 0.78 -19.12 3.96
C PHE A 71 1.74 -19.10 2.79
N LYS A 72 2.48 -20.18 2.64
CA LYS A 72 3.61 -20.26 1.72
CA LYS A 72 3.63 -20.20 1.75
C LYS A 72 3.26 -19.89 0.28
N LYS A 73 2.10 -20.33 -0.19
CA LYS A 73 1.74 -20.06 -1.59
C LYS A 73 1.79 -18.56 -1.87
N GLU A 74 1.20 -17.79 -0.96
CA GLU A 74 1.12 -16.33 -1.13
C GLU A 74 2.41 -15.63 -0.75
N PHE A 75 3.04 -16.02 0.36
CA PHE A 75 4.30 -15.49 0.81
CA PHE A 75 4.27 -15.30 0.70
C PHE A 75 5.36 -15.58 -0.32
N ASN A 76 5.29 -16.69 -1.06
CA ASN A 76 6.25 -16.99 -2.12
C ASN A 76 5.84 -16.53 -3.52
N ASP A 77 4.73 -15.79 -3.61
CA ASP A 77 4.31 -15.25 -4.90
C ASP A 77 5.46 -14.41 -5.42
N PRO A 78 5.94 -14.66 -6.65
CA PRO A 78 6.99 -13.78 -7.18
C PRO A 78 6.63 -12.29 -7.13
N SER A 79 5.33 -11.97 -7.26
CA SER A 79 4.85 -10.59 -7.14
C SER A 79 5.10 -9.99 -5.77
N ASN A 80 5.31 -10.84 -4.77
CA ASN A 80 5.53 -10.39 -3.38
C ASN A 80 7.01 -10.41 -2.96
N ALA A 81 7.94 -10.58 -3.91
CA ALA A 81 9.35 -10.63 -3.55
C ALA A 81 9.77 -9.34 -2.88
N GLY A 82 10.35 -9.46 -1.69
CA GLY A 82 10.79 -8.35 -0.90
C GLY A 82 9.88 -8.11 0.31
N LEU A 83 8.62 -8.52 0.22
CA LEU A 83 7.66 -8.23 1.30
C LEU A 83 7.95 -9.04 2.56
N GLN A 84 8.76 -10.08 2.41
CA GLN A 84 9.23 -10.83 3.58
C GLN A 84 9.88 -9.93 4.59
N ASN A 85 10.51 -8.85 4.14
CA ASN A 85 11.10 -7.90 5.05
C ASN A 85 10.07 -7.22 5.94
N GLY A 86 8.92 -6.92 5.35
CA GLY A 86 7.81 -6.32 6.12
C GLY A 86 7.22 -7.32 7.09
N PHE A 87 7.09 -8.55 6.64
CA PHE A 87 6.58 -9.59 7.51
C PHE A 87 7.50 -9.81 8.70
N LYS A 88 8.82 -9.82 8.47
CA LYS A 88 9.76 -10.02 9.57
CA LYS A 88 9.82 -9.97 9.54
C LYS A 88 9.73 -8.85 10.54
N PHE A 89 9.56 -7.64 10.04
CA PHE A 89 9.38 -6.47 10.88
C PHE A 89 8.20 -6.65 11.83
N LEU A 90 7.11 -7.17 11.30
CA LEU A 90 5.86 -7.29 12.06
C LEU A 90 5.86 -8.49 13.02
N GLU A 91 6.79 -9.43 12.86
CA GLU A 91 6.79 -10.60 13.74
CA GLU A 91 6.88 -10.60 13.76
C GLU A 91 6.87 -10.26 15.25
N PRO A 92 7.78 -9.38 15.68
CA PRO A 92 7.80 -9.07 17.13
C PRO A 92 6.57 -8.33 17.58
N ILE A 93 5.94 -7.59 16.67
CA ILE A 93 4.70 -6.91 17.00
C ILE A 93 3.61 -7.97 17.28
N HIS A 94 3.52 -8.97 16.41
CA HIS A 94 2.51 -10.00 16.57
C HIS A 94 2.77 -10.80 17.84
N LYS A 95 4.04 -11.03 18.16
CA LYS A 95 4.36 -11.78 19.38
CA LYS A 95 4.39 -11.76 19.38
C LYS A 95 3.91 -11.01 20.62
N GLU A 96 4.08 -9.69 20.61
CA GLU A 96 3.61 -8.87 21.71
C GLU A 96 2.09 -8.80 21.82
N PHE A 97 1.42 -8.80 20.67
CA PHE A 97 -0.03 -8.63 20.59
C PHE A 97 -0.62 -9.82 19.83
N PRO A 98 -0.55 -11.03 20.41
CA PRO A 98 -0.91 -12.22 19.67
C PRO A 98 -2.39 -12.35 19.35
N TRP A 99 -3.20 -11.51 19.99
CA TRP A 99 -4.63 -11.48 19.81
C TRP A 99 -5.08 -10.83 18.51
N ILE A 100 -4.23 -10.04 17.85
CA ILE A 100 -4.66 -9.37 16.62
C ILE A 100 -4.65 -10.36 15.47
N SER A 101 -5.64 -10.31 14.58
CA SER A 101 -5.63 -11.16 13.42
C SER A 101 -4.52 -10.76 12.45
N SER A 102 -4.11 -11.69 11.60
CA SER A 102 -3.03 -11.40 10.65
C SER A 102 -3.44 -10.30 9.66
N GLY A 103 -4.65 -10.38 9.12
CA GLY A 103 -5.09 -9.32 8.22
C GLY A 103 -5.22 -7.97 8.88
N ASP A 104 -5.67 -7.93 10.13
CA ASP A 104 -5.68 -6.67 10.87
C ASP A 104 -4.27 -6.14 11.05
N LEU A 105 -3.34 -7.01 11.41
CA LEU A 105 -1.96 -6.54 11.58
C LEU A 105 -1.33 -6.04 10.31
N PHE A 106 -1.47 -6.79 9.19
CA PHE A 106 -0.82 -6.37 7.96
C PHE A 106 -1.41 -5.05 7.47
N SER A 107 -2.73 -4.91 7.54
CA SER A 107 -3.36 -3.65 7.10
C SER A 107 -3.05 -2.48 8.02
N LEU A 108 -3.02 -2.72 9.34
CA LEU A 108 -2.67 -1.70 10.29
C LEU A 108 -1.21 -1.26 10.11
N GLY A 109 -0.34 -2.18 9.73
CA GLY A 109 1.03 -1.78 9.42
C GLY A 109 1.07 -0.73 8.34
N GLY A 110 0.27 -0.89 7.29
CA GLY A 110 0.24 0.10 6.23
C GLY A 110 -0.27 1.45 6.68
N VAL A 111 -1.37 1.43 7.41
CA VAL A 111 -1.92 2.65 7.98
C VAL A 111 -0.90 3.38 8.85
N THR A 112 -0.26 2.62 9.73
CA THR A 112 0.71 3.21 10.65
C THR A 112 1.84 3.83 9.85
N ALA A 113 2.34 3.11 8.86
CA ALA A 113 3.45 3.64 8.05
C ALA A 113 3.05 4.93 7.34
N VAL A 114 1.90 4.96 6.67
CA VAL A 114 1.50 6.19 6.01
C VAL A 114 1.45 7.36 6.98
N GLN A 115 0.84 7.16 8.14
CA GLN A 115 0.66 8.24 9.05
C GLN A 115 1.97 8.69 9.67
N GLU A 116 2.81 7.74 10.04
CA GLU A 116 4.10 8.09 10.67
C GLU A 116 5.02 8.80 9.70
N MET A 117 4.87 8.51 8.39
CA MET A 117 5.60 9.21 7.33
C MET A 117 4.96 10.54 6.96
N GLN A 118 4.10 11.06 7.82
CA GLN A 118 3.49 12.37 7.68
C GLN A 118 2.44 12.42 6.58
N GLY A 119 1.87 11.27 6.25
CA GLY A 119 0.76 11.20 5.31
C GLY A 119 -0.57 11.53 5.94
N PRO A 120 -1.64 11.36 5.18
CA PRO A 120 -2.96 11.64 5.72
C PRO A 120 -3.33 10.63 6.80
N LYS A 121 -4.26 11.00 7.66
CA LYS A 121 -4.97 10.03 8.51
CA LYS A 121 -4.89 10.00 8.50
C LYS A 121 -5.70 9.06 7.63
N ILE A 122 -5.61 7.77 7.96
CA ILE A 122 -6.33 6.74 7.26
C ILE A 122 -7.25 6.02 8.30
N PRO A 123 -8.56 6.26 8.24
CA PRO A 123 -9.41 5.51 9.14
C PRO A 123 -9.26 4.04 8.91
N TRP A 124 -9.34 3.28 9.99
CA TRP A 124 -9.08 1.86 9.96
C TRP A 124 -10.08 1.09 10.80
N ARG A 125 -10.53 -0.03 10.27
CA ARG A 125 -11.50 -0.85 10.99
C ARG A 125 -10.91 -2.20 11.30
N CYS A 126 -11.18 -2.68 12.51
CA CYS A 126 -10.76 -4.01 12.91
C CYS A 126 -11.77 -5.08 12.52
N GLY A 127 -11.35 -6.32 12.71
CA GLY A 127 -12.31 -7.42 12.58
C GLY A 127 -12.05 -8.43 11.47
N ARG A 128 -10.92 -8.30 10.75
CA ARG A 128 -10.52 -9.34 9.82
C ARG A 128 -10.28 -10.61 10.65
N VAL A 129 -10.62 -11.75 10.08
CA VAL A 129 -10.48 -13.05 10.76
C VAL A 129 -9.65 -14.00 9.93
N ASP A 130 -8.64 -14.61 10.53
CA ASP A 130 -7.79 -15.54 9.82
CA ASP A 130 -7.77 -15.51 9.80
C ASP A 130 -8.61 -16.66 9.25
N THR A 131 -8.34 -17.01 8.00
CA THR A 131 -8.99 -18.12 7.32
C THR A 131 -7.94 -19.16 6.94
N PRO A 132 -8.40 -20.41 6.68
CA PRO A 132 -7.47 -21.50 6.48
C PRO A 132 -6.62 -21.46 5.22
N GLU A 133 -5.60 -22.31 5.19
CA GLU A 133 -4.65 -22.33 4.07
C GLU A 133 -5.29 -22.53 2.69
N ASP A 134 -6.39 -23.29 2.63
CA ASP A 134 -7.03 -23.53 1.35
C ASP A 134 -7.79 -22.32 0.80
N THR A 135 -7.91 -21.25 1.58
CA THR A 135 -8.50 -20.00 1.12
C THR A 135 -7.46 -19.04 0.52
N THR A 136 -6.20 -19.43 0.49
CA THR A 136 -5.14 -18.57 -0.04
C THR A 136 -5.32 -18.45 -1.56
N PRO A 137 -5.37 -17.21 -2.07
CA PRO A 137 -5.54 -17.06 -3.53
C PRO A 137 -4.29 -17.52 -4.26
N ASP A 138 -4.45 -18.08 -5.46
CA ASP A 138 -3.32 -18.41 -6.31
C ASP A 138 -2.54 -17.16 -6.69
N ASN A 139 -1.26 -17.36 -6.99
CA ASN A 139 -0.38 -16.32 -7.52
C ASN A 139 -0.96 -15.78 -8.84
N GLY A 140 -0.64 -14.54 -9.15
CA GLY A 140 -0.97 -13.98 -10.45
C GLY A 140 -2.08 -12.95 -10.45
N ARG A 141 -2.57 -12.58 -9.28
CA ARG A 141 -3.62 -11.59 -9.14
C ARG A 141 -3.09 -10.16 -8.94
N LEU A 142 -1.79 -10.00 -8.71
CA LEU A 142 -1.22 -8.66 -8.56
C LEU A 142 -0.70 -8.18 -9.90
N PRO A 143 -0.59 -6.87 -10.09
CA PRO A 143 -0.37 -6.35 -11.42
C PRO A 143 1.07 -6.37 -11.91
N ASP A 144 1.23 -6.50 -13.22
CA ASP A 144 2.51 -6.36 -13.91
C ASP A 144 2.83 -4.87 -14.11
N ALA A 145 4.12 -4.55 -14.13
CA ALA A 145 4.59 -3.17 -14.25
C ALA A 145 5.04 -2.79 -15.65
N ASP A 146 5.07 -3.72 -16.60
N ASP A 146 5.09 -3.77 -16.56
CA ASP A 146 5.63 -3.42 -17.93
CA ASP A 146 5.55 -3.62 -17.96
C ASP A 146 4.59 -2.95 -18.94
C ASP A 146 4.36 -3.46 -18.91
N LYS A 147 3.38 -2.70 -18.49
CA LYS A 147 2.19 -2.56 -19.31
CA LYS A 147 2.12 -2.54 -19.17
C LYS A 147 1.73 -1.08 -19.36
N ASP A 148 0.65 -0.84 -20.10
CA ASP A 148 0.18 0.47 -20.45
C ASP A 148 -1.06 0.87 -19.66
N ALA A 149 -1.61 2.03 -19.99
CA ALA A 149 -2.71 2.58 -19.23
C ALA A 149 -3.95 1.72 -19.31
N GLY A 150 -4.21 1.14 -20.49
CA GLY A 150 -5.38 0.31 -20.63
C GLY A 150 -5.32 -0.90 -19.74
N TYR A 151 -4.15 -1.48 -19.62
CA TYR A 151 -3.93 -2.58 -18.69
C TYR A 151 -4.22 -2.16 -17.25
N VAL A 152 -3.68 -1.03 -16.83
CA VAL A 152 -3.86 -0.52 -15.48
C VAL A 152 -5.34 -0.32 -15.21
N ARG A 153 -6.04 0.33 -16.15
CA ARG A 153 -7.43 0.63 -15.96
C ARG A 153 -8.26 -0.64 -15.78
N THR A 154 -8.04 -1.59 -16.69
CA THR A 154 -8.75 -2.86 -16.62
C THR A 154 -8.41 -3.65 -15.36
N PHE A 155 -7.12 -3.68 -15.00
CA PHE A 155 -6.72 -4.42 -13.84
C PHE A 155 -7.49 -3.94 -12.60
N PHE A 156 -7.52 -2.63 -12.42
CA PHE A 156 -8.11 -2.07 -11.22
C PHE A 156 -9.63 -2.17 -11.18
N GLN A 157 -10.30 -2.40 -12.30
CA GLN A 157 -11.73 -2.70 -12.25
C GLN A 157 -12.02 -3.91 -11.38
N ARG A 158 -11.10 -4.87 -11.35
CA ARG A 158 -11.31 -6.09 -10.55
C ARG A 158 -11.35 -5.76 -9.05
N LEU A 159 -10.68 -4.67 -8.67
CA LEU A 159 -10.62 -4.16 -7.31
C LEU A 159 -11.66 -3.07 -7.06
N ASN A 160 -12.58 -2.87 -8.02
CA ASN A 160 -13.60 -1.85 -7.94
C ASN A 160 -13.05 -0.43 -7.76
N MET A 161 -11.93 -0.14 -8.43
CA MET A 161 -11.35 1.19 -8.40
C MET A 161 -11.52 1.89 -9.73
N ASN A 162 -11.91 3.15 -9.67
CA ASN A 162 -12.06 3.99 -10.84
C ASN A 162 -10.80 4.79 -11.14
N ASP A 163 -10.85 5.65 -12.16
CA ASP A 163 -9.63 6.34 -12.58
C ASP A 163 -9.04 7.18 -11.45
N ARG A 164 -9.87 7.95 -10.75
CA ARG A 164 -9.39 8.79 -9.69
CA ARG A 164 -9.38 8.79 -9.69
CA ARG A 164 -9.34 8.79 -9.71
C ARG A 164 -8.76 7.97 -8.58
N GLU A 165 -9.42 6.88 -8.20
CA GLU A 165 -8.90 6.01 -7.16
C GLU A 165 -7.55 5.40 -7.56
N VAL A 166 -7.42 4.98 -8.81
CA VAL A 166 -6.18 4.44 -9.32
C VAL A 166 -5.08 5.47 -9.27
N VAL A 167 -5.32 6.68 -9.75
CA VAL A 167 -4.27 7.67 -9.79
C VAL A 167 -3.87 8.07 -8.38
N ALA A 168 -4.85 8.19 -7.49
CA ALA A 168 -4.55 8.49 -6.08
C ALA A 168 -3.70 7.39 -5.46
N LEU A 169 -4.11 6.14 -5.60
CA LEU A 169 -3.36 5.04 -5.01
C LEU A 169 -1.93 4.99 -5.50
N MET A 170 -1.71 5.29 -6.79
CA MET A 170 -0.37 5.19 -7.36
C MET A 170 0.60 6.20 -6.77
N GLY A 171 0.07 7.25 -6.13
CA GLY A 171 0.93 8.21 -5.48
C GLY A 171 1.77 7.65 -4.36
N ALA A 172 1.41 6.48 -3.86
CA ALA A 172 2.25 5.76 -2.93
C ALA A 172 3.60 5.41 -3.50
N HIS A 173 3.75 5.46 -4.82
CA HIS A 173 5.05 5.24 -5.43
C HIS A 173 6.01 6.39 -5.23
N ALA A 174 5.62 7.45 -4.53
CA ALA A 174 6.62 8.37 -3.99
C ALA A 174 7.48 7.71 -2.94
N LEU A 175 7.00 6.64 -2.32
CA LEU A 175 7.67 5.96 -1.20
C LEU A 175 8.60 4.86 -1.65
N GLY A 176 9.74 4.75 -0.97
CA GLY A 176 10.60 3.64 -1.19
C GLY A 176 11.27 3.64 -2.54
N LYS A 177 11.46 2.47 -3.11
CA LYS A 177 12.13 2.35 -4.40
C LYS A 177 11.86 1.02 -5.01
N THR A 178 12.23 0.90 -6.29
CA THR A 178 12.27 -0.38 -6.93
C THR A 178 13.67 -0.99 -6.71
N HIS A 179 13.71 -2.31 -6.55
CA HIS A 179 14.95 -3.03 -6.30
C HIS A 179 15.10 -4.10 -7.36
N LEU A 180 16.24 -4.09 -8.07
CA LEU A 180 16.38 -4.97 -9.22
C LEU A 180 16.12 -6.43 -8.91
N LYS A 181 16.65 -6.89 -7.79
CA LYS A 181 16.52 -8.27 -7.41
C LYS A 181 15.12 -8.71 -7.03
N ASN A 182 14.28 -7.76 -6.63
CA ASN A 182 12.89 -8.10 -6.31
C ASN A 182 11.98 -8.15 -7.54
N SER A 183 12.09 -7.12 -8.40
CA SER A 183 11.09 -6.90 -9.42
C SER A 183 11.64 -6.72 -10.82
N GLY A 184 12.97 -6.65 -10.98
CA GLY A 184 13.55 -6.39 -12.29
C GLY A 184 13.52 -4.92 -12.69
N TYR A 185 13.34 -4.01 -11.71
CA TYR A 185 13.35 -2.58 -11.89
C TYR A 185 14.21 -2.00 -10.80
N GLU A 186 14.91 -0.90 -11.10
CA GLU A 186 15.81 -0.29 -10.11
C GLU A 186 15.69 1.20 -10.04
N GLY A 187 15.49 1.71 -8.82
CA GLY A 187 15.68 3.12 -8.50
C GLY A 187 14.48 3.71 -7.76
N PRO A 188 14.69 4.87 -7.15
CA PRO A 188 13.65 5.59 -6.45
C PRO A 188 12.89 6.50 -7.40
N GLY A 189 11.77 7.02 -6.94
CA GLY A 189 10.97 7.93 -7.73
C GLY A 189 11.24 9.39 -7.50
N GLY A 190 12.02 9.70 -6.48
CA GLY A 190 12.19 11.09 -6.13
C GLY A 190 13.09 11.16 -4.92
N ALA A 191 13.24 12.37 -4.43
CA ALA A 191 14.15 12.61 -3.29
C ALA A 191 13.55 12.29 -1.94
N ALA A 192 12.25 12.46 -1.81
CA ALA A 192 11.57 12.36 -0.51
C ALA A 192 10.88 11.01 -0.64
C ALA A 192 10.85 11.02 -0.26
N ASN A 193 11.61 9.94 -0.30
CA ASN A 193 11.00 8.60 -0.39
C ASN A 193 10.73 7.87 0.93
N ASN A 194 10.85 8.54 2.07
CA ASN A 194 10.26 8.06 3.31
C ASN A 194 9.41 9.12 4.03
N VAL A 195 8.96 10.11 3.28
CA VAL A 195 7.96 11.08 3.74
C VAL A 195 6.85 11.04 2.70
N PHE A 196 5.62 10.99 3.16
CA PHE A 196 4.48 10.87 2.27
C PHE A 196 4.10 12.26 1.74
N THR A 197 4.27 12.47 0.44
CA THR A 197 3.97 13.74 -0.21
C THR A 197 3.37 13.43 -1.57
N ASN A 198 3.00 14.48 -2.32
CA ASN A 198 2.52 14.34 -3.71
C ASN A 198 3.69 14.41 -4.74
N GLU A 199 4.91 14.09 -4.32
CA GLU A 199 6.03 14.23 -5.24
CA GLU A 199 6.10 14.10 -5.18
C GLU A 199 5.93 13.28 -6.44
N PHE A 200 5.22 12.17 -6.35
CA PHE A 200 5.12 11.27 -7.53
C PHE A 200 4.57 12.05 -8.72
N TYR A 201 3.53 12.85 -8.49
CA TYR A 201 2.86 13.57 -9.54
C TYR A 201 3.73 14.72 -10.05
N LEU A 202 4.34 15.46 -9.14
CA LEU A 202 5.25 16.53 -9.55
C LEU A 202 6.38 15.96 -10.40
N ASN A 203 6.98 14.87 -9.98
CA ASN A 203 8.09 14.30 -10.75
C ASN A 203 7.64 13.76 -12.10
N LEU A 204 6.47 13.13 -12.15
CA LEU A 204 5.95 12.71 -13.45
C LEU A 204 5.90 13.88 -14.43
N LEU A 205 5.39 15.00 -13.97
CA LEU A 205 5.17 16.18 -14.83
C LEU A 205 6.41 16.96 -15.12
N ASN A 206 7.33 17.03 -14.16
CA ASN A 206 8.42 18.03 -14.22
C ASN A 206 9.74 17.46 -14.63
N GLU A 207 10.01 16.19 -14.45
CA GLU A 207 11.29 15.60 -14.84
C GLU A 207 11.30 15.30 -16.33
N ASP A 208 12.51 15.25 -16.87
CA ASP A 208 12.72 14.87 -18.28
CA ASP A 208 12.67 14.86 -18.28
C ASP A 208 13.02 13.38 -18.33
N TRP A 209 12.02 12.59 -18.69
CA TRP A 209 12.12 11.13 -18.65
C TRP A 209 12.64 10.60 -19.97
N LYS A 210 13.54 9.63 -19.86
CA LYS A 210 14.15 8.92 -20.99
CA LYS A 210 14.06 8.93 -21.03
C LYS A 210 13.86 7.43 -20.86
N LEU A 211 13.39 6.78 -21.93
CA LEU A 211 13.14 5.35 -21.91
C LEU A 211 14.42 4.58 -22.06
N GLU A 212 14.88 3.90 -21.02
CA GLU A 212 16.16 3.22 -21.01
C GLU A 212 15.96 1.75 -20.65
N LYS A 213 16.98 0.94 -20.80
CA LYS A 213 16.96 -0.41 -20.28
C LYS A 213 17.83 -0.48 -19.04
N ASN A 214 17.35 -1.21 -18.05
CA ASN A 214 18.08 -1.45 -16.83
C ASN A 214 18.92 -2.71 -16.94
N ASP A 215 19.63 -3.06 -15.88
CA ASP A 215 20.55 -4.19 -15.93
C ASP A 215 19.88 -5.55 -15.96
N ALA A 216 18.55 -5.60 -15.78
CA ALA A 216 17.80 -6.83 -15.94
C ALA A 216 17.16 -6.90 -17.34
N ASN A 217 17.54 -5.96 -18.21
CA ASN A 217 17.07 -5.92 -19.62
C ASN A 217 15.60 -5.54 -19.74
N ASN A 218 15.08 -4.83 -18.74
CA ASN A 218 13.71 -4.29 -18.80
C ASN A 218 13.73 -2.81 -19.03
N GLU A 219 12.76 -2.31 -19.79
CA GLU A 219 12.63 -0.89 -20.00
C GLU A 219 12.03 -0.19 -18.78
N GLN A 220 12.55 0.97 -18.48
CA GLN A 220 12.02 1.86 -17.46
C GLN A 220 12.37 3.30 -17.86
N TRP A 221 11.64 4.25 -17.32
CA TRP A 221 11.83 5.67 -17.61
C TRP A 221 12.72 6.27 -16.55
N ASP A 222 13.83 6.86 -16.97
CA ASP A 222 14.82 7.41 -16.05
C ASP A 222 14.99 8.90 -16.25
N SER A 223 15.31 9.62 -15.17
CA SER A 223 15.64 11.02 -15.27
C SER A 223 17.10 11.27 -14.88
N LYS A 224 17.62 12.42 -15.27
CA LYS A 224 19.01 12.76 -14.95
C LYS A 224 19.24 12.98 -13.47
N SER A 225 18.16 13.27 -12.73
CA SER A 225 18.19 13.40 -11.26
CA SER A 225 18.28 13.42 -11.27
C SER A 225 18.44 12.08 -10.56
N GLY A 226 18.33 10.96 -11.29
CA GLY A 226 18.52 9.63 -10.71
C GLY A 226 17.22 8.97 -10.26
N TYR A 227 16.11 9.47 -10.78
CA TYR A 227 14.80 8.90 -10.47
C TYR A 227 14.33 8.03 -11.62
N MET A 228 13.30 7.23 -11.35
CA MET A 228 12.72 6.36 -12.36
C MET A 228 11.23 6.24 -12.18
N MET A 229 10.59 5.86 -13.29
CA MET A 229 9.18 5.52 -13.35
C MET A 229 9.03 4.18 -14.05
N LEU A 230 8.19 3.33 -13.49
CA LEU A 230 7.81 2.10 -14.13
C LEU A 230 6.97 2.44 -15.37
N PRO A 231 6.93 1.52 -16.35
CA PRO A 231 5.99 1.78 -17.46
C PRO A 231 4.57 2.06 -17.01
N THR A 232 4.08 1.35 -16.00
CA THR A 232 2.75 1.61 -15.48
C THR A 232 2.61 2.98 -14.80
N ASP A 233 3.69 3.44 -14.17
CA ASP A 233 3.68 4.80 -13.61
C ASP A 233 3.55 5.83 -14.73
N TYR A 234 4.41 5.67 -15.74
CA TYR A 234 4.44 6.62 -16.85
C TYR A 234 3.16 6.63 -17.66
N SER A 235 2.45 5.51 -17.62
CA SER A 235 1.17 5.43 -18.31
C SER A 235 0.18 6.46 -17.83
N LEU A 236 0.35 6.92 -16.59
CA LEU A 236 -0.56 7.90 -16.03
C LEU A 236 -0.43 9.28 -16.68
N ILE A 237 0.66 9.52 -17.41
CA ILE A 237 0.78 10.77 -18.19
C ILE A 237 0.64 10.53 -19.69
N GLN A 238 0.55 9.28 -20.11
CA GLN A 238 0.29 8.94 -21.51
C GLN A 238 -1.21 8.95 -21.80
N ASP A 239 -2.03 8.55 -20.85
CA ASP A 239 -3.48 8.52 -21.00
C ASP A 239 -4.07 9.85 -20.62
N PRO A 240 -4.91 10.46 -21.48
CA PRO A 240 -5.38 11.81 -21.19
C PRO A 240 -6.27 11.93 -19.96
N LYS A 241 -7.00 10.88 -19.62
CA LYS A 241 -7.86 10.90 -18.44
CA LYS A 241 -7.86 10.93 -18.44
C LYS A 241 -7.02 10.85 -17.18
N TYR A 242 -6.06 9.94 -17.17
CA TYR A 242 -5.14 9.88 -16.03
C TYR A 242 -4.35 11.18 -15.91
N LEU A 243 -3.92 11.73 -17.03
CA LEU A 243 -3.07 12.93 -16.98
C LEU A 243 -3.77 14.07 -16.27
N SER A 244 -5.05 14.28 -16.54
CA SER A 244 -5.78 15.35 -15.87
CA SER A 244 -5.71 15.41 -15.89
C SER A 244 -5.71 15.22 -14.37
N ILE A 245 -5.84 13.99 -13.88
CA ILE A 245 -5.87 13.73 -12.44
C ILE A 245 -4.47 13.85 -11.84
N VAL A 246 -3.46 13.40 -12.58
CA VAL A 246 -2.09 13.66 -12.16
C VAL A 246 -1.84 15.14 -11.95
N LYS A 247 -2.29 15.96 -12.88
CA LYS A 247 -2.12 17.41 -12.76
C LYS A 247 -2.87 17.98 -11.56
N GLU A 248 -4.03 17.44 -11.26
CA GLU A 248 -4.81 17.89 -10.13
CA GLU A 248 -4.81 17.90 -10.14
C GLU A 248 -4.04 17.61 -8.84
N TYR A 249 -3.53 16.41 -8.68
CA TYR A 249 -2.81 16.08 -7.44
C TYR A 249 -1.48 16.78 -7.34
N ALA A 250 -0.80 17.03 -8.46
CA ALA A 250 0.43 17.81 -8.47
C ALA A 250 0.21 19.22 -7.97
N ASN A 251 -1.00 19.71 -8.12
CA ASN A 251 -1.37 21.08 -7.79
C ASN A 251 -2.19 21.24 -6.50
N ASP A 252 -2.45 20.16 -5.78
CA ASP A 252 -3.30 20.25 -4.59
C ASP A 252 -2.97 19.11 -3.65
N GLN A 253 -2.05 19.39 -2.74
N GLN A 253 -2.02 19.40 -2.76
CA GLN A 253 -1.55 18.36 -1.81
CA GLN A 253 -1.55 18.46 -1.74
C GLN A 253 -2.68 17.87 -0.89
C GLN A 253 -2.69 17.88 -0.93
N ASP A 254 -3.53 18.77 -0.44
CA ASP A 254 -4.63 18.37 0.44
C ASP A 254 -5.60 17.47 -0.26
N LYS A 255 -5.94 17.78 -1.52
CA LYS A 255 -6.83 16.94 -2.28
CA LYS A 255 -6.84 16.92 -2.25
C LYS A 255 -6.27 15.53 -2.48
N PHE A 256 -5.02 15.47 -2.82
CA PHE A 256 -4.37 14.22 -2.92
C PHE A 256 -4.45 13.43 -1.61
N PHE A 257 -4.11 14.06 -0.48
CA PHE A 257 -4.17 13.37 0.82
C PHE A 257 -5.58 12.83 1.10
N LYS A 258 -6.59 13.64 0.87
CA LYS A 258 -7.96 13.20 1.16
C LYS A 258 -8.39 12.04 0.26
N ASP A 259 -8.09 12.14 -1.03
CA ASP A 259 -8.46 11.09 -1.96
C ASP A 259 -7.66 9.79 -1.74
N PHE A 260 -6.37 9.91 -1.45
CA PHE A 260 -5.59 8.74 -1.11
C PHE A 260 -6.15 8.04 0.13
N SER A 261 -6.47 8.82 1.17
CA SER A 261 -6.97 8.22 2.38
C SER A 261 -8.22 7.39 2.14
N LYS A 262 -9.16 7.92 1.37
CA LYS A 262 -10.38 7.22 1.03
CA LYS A 262 -10.38 7.20 1.10
C LYS A 262 -10.09 5.96 0.23
N ALA A 263 -9.24 6.07 -0.78
CA ALA A 263 -8.98 4.95 -1.65
C ALA A 263 -8.21 3.84 -0.94
N PHE A 264 -7.29 4.21 -0.07
CA PHE A 264 -6.49 3.26 0.66
C PHE A 264 -7.34 2.53 1.70
N GLU A 265 -8.17 3.26 2.43
CA GLU A 265 -9.09 2.58 3.32
C GLU A 265 -9.95 1.61 2.54
N LYS A 266 -10.53 2.05 1.43
CA LYS A 266 -11.36 1.17 0.61
C LYS A 266 -10.64 -0.09 0.17
N LEU A 267 -9.41 0.08 -0.30
CA LEU A 267 -8.58 -1.03 -0.74
C LEU A 267 -8.42 -2.05 0.38
N LEU A 268 -8.13 -1.54 1.59
CA LEU A 268 -7.90 -2.41 2.77
C LEU A 268 -9.16 -3.06 3.29
N GLU A 269 -10.32 -2.53 2.91
CA GLU A 269 -11.61 -3.05 3.36
C GLU A 269 -12.39 -3.86 2.33
N ASP A 270 -11.91 -3.89 1.10
CA ASP A 270 -12.61 -4.61 0.05
C ASP A 270 -12.80 -6.04 0.50
N GLY A 271 -14.01 -6.56 0.29
CA GLY A 271 -14.35 -7.94 0.61
C GLY A 271 -14.95 -8.14 1.96
N ILE A 272 -14.93 -7.14 2.83
CA ILE A 272 -15.35 -7.29 4.22
C ILE A 272 -16.73 -6.69 4.42
N THR A 273 -17.61 -7.48 5.03
CA THR A 273 -18.92 -7.04 5.47
C THR A 273 -18.85 -6.60 6.91
N PHE A 274 -19.13 -5.32 7.17
CA PHE A 274 -19.12 -4.78 8.53
C PHE A 274 -20.56 -4.78 9.04
N PRO A 275 -20.83 -5.52 10.14
CA PRO A 275 -22.18 -5.49 10.73
C PRO A 275 -22.61 -4.08 11.07
N LYS A 276 -23.93 -3.81 11.09
CA LYS A 276 -24.40 -2.44 11.30
C LYS A 276 -24.04 -1.85 12.68
N ASP A 277 -23.85 -2.73 13.66
CA ASP A 277 -23.38 -2.35 15.01
C ASP A 277 -21.87 -2.55 15.24
N ALA A 278 -21.11 -2.71 14.16
CA ALA A 278 -19.64 -2.72 14.26
C ALA A 278 -19.18 -1.36 14.78
N PRO A 279 -18.01 -1.31 15.44
CA PRO A 279 -17.49 0.00 15.82
C PRO A 279 -17.25 0.87 14.60
N SER A 280 -17.32 2.17 14.81
CA SER A 280 -16.92 3.12 13.78
C SER A 280 -15.42 2.95 13.48
N PRO A 281 -14.99 3.38 12.29
CA PRO A 281 -13.55 3.35 12.01
C PRO A 281 -12.75 4.13 13.05
N PHE A 282 -11.58 3.62 13.36
CA PHE A 282 -10.66 4.26 14.27
C PHE A 282 -9.73 5.20 13.52
N ILE A 283 -9.45 6.33 14.14
CA ILE A 283 -8.41 7.22 13.61
C ILE A 283 -7.35 7.30 14.69
N PHE A 284 -6.22 6.68 14.40
CA PHE A 284 -5.14 6.63 15.39
C PHE A 284 -4.34 7.90 15.42
N LYS A 285 -3.90 8.26 16.62
CA LYS A 285 -3.00 9.37 16.80
CA LYS A 285 -2.98 9.36 16.81
C LYS A 285 -1.57 8.93 16.45
N THR A 286 -0.82 9.83 15.84
CA THR A 286 0.58 9.52 15.58
C THR A 286 1.39 9.58 16.89
N LEU A 287 2.61 9.04 16.87
CA LEU A 287 3.47 9.21 18.03
C LEU A 287 3.63 10.68 18.33
N GLU A 288 3.89 11.47 17.29
CA GLU A 288 4.08 12.90 17.48
C GLU A 288 2.88 13.57 18.16
N GLU A 289 1.68 13.21 17.74
CA GLU A 289 0.49 13.78 18.39
C GLU A 289 0.34 13.36 19.86
N GLN A 290 0.90 12.22 20.22
CA GLN A 290 0.84 11.72 21.60
C GLN A 290 1.99 12.20 22.45
N GLY A 291 2.98 12.92 21.87
CA GLY A 291 4.17 13.30 22.62
C GLY A 291 5.09 12.14 22.92
N LEU A 292 5.02 11.09 22.11
CA LEU A 292 5.80 9.90 22.27
C LEU A 292 6.92 9.82 21.27
P PO4 B . 16.77 -4.81 0.24
O1 PO4 B . 17.35 -6.03 0.90
O2 PO4 B . 16.19 -5.22 -1.10
O3 PO4 B . 15.69 -4.21 1.11
O4 PO4 B . 17.85 -3.77 0.04
CHA HEM C . 6.97 -0.83 -5.12
CHB HEM C . 4.59 -2.16 -9.11
CHC HEM C . 0.57 -0.16 -7.35
CHD HEM C . 2.85 0.75 -3.21
C1A HEM C . 6.66 -1.37 -6.35
C2A HEM C . 7.58 -2.11 -7.19
C3A HEM C . 6.93 -2.45 -8.32
C4A HEM C . 5.57 -1.99 -8.18
CMA HEM C . 7.47 -3.26 -9.52
CAA HEM C . 9.03 -2.37 -6.81
CBA HEM C . 9.16 -3.57 -5.86
CGA HEM C . 10.59 -3.81 -5.52
O1A HEM C . 10.93 -3.86 -4.32
O2A HEM C . 11.40 -3.93 -6.45
C1B HEM C . 3.30 -1.72 -8.99
C2B HEM C . 2.31 -1.81 -10.02
C3B HEM C . 1.21 -1.24 -9.55
C4B HEM C . 1.48 -0.78 -8.19
CMB HEM C . 2.50 -2.49 -11.37
CAB HEM C . -0.14 -1.06 -10.20
CBB HEM C . -0.33 -0.90 -11.51
C1C HEM C . 0.81 0.21 -6.02
C2C HEM C . -0.21 0.64 -5.10
C3C HEM C . 0.45 0.90 -3.93
C4C HEM C . 1.83 0.60 -4.12
CMC HEM C . -1.70 0.76 -5.42
CAC HEM C . -0.13 1.33 -2.59
CBC HEM C . -1.08 2.20 -2.40
C1D HEM C . 4.19 0.52 -3.38
C2D HEM C . 5.22 0.90 -2.46
C3D HEM C . 6.46 0.41 -3.02
C4D HEM C . 6.07 -0.22 -4.27
CMD HEM C . 5.03 1.67 -1.20
CAD HEM C . 7.85 0.56 -2.45
CBD HEM C . 8.29 -0.69 -1.70
CGD HEM C . 9.70 -0.63 -1.13
O1D HEM C . 10.33 0.42 -1.22
O2D HEM C . 10.13 -1.67 -0.56
NA HEM C . 5.41 -1.35 -6.97
NB HEM C . 2.79 -1.08 -7.88
NC HEM C . 2.04 0.14 -5.39
ND HEM C . 4.69 -0.16 -4.50
FE HEM C . 3.74 -0.57 -6.20
N03 271 D . 8.42 5.56 -9.72
C04 271 D . 7.88 6.53 -8.79
C23 271 D . 9.43 4.73 -9.11
C24 271 D . 8.88 3.82 -8.02
C25 271 D . 7.96 2.83 -8.29
C26 271 D . 7.51 2.07 -7.17
C27 271 D . 7.92 2.36 -5.91
C28 271 D . 8.81 3.36 -5.66
C29 271 D . 9.28 4.08 -6.74
C1 MPD E . 10.00 -7.37 -15.09
C2 MPD E . 8.88 -7.52 -16.14
O2 MPD E . 7.91 -6.51 -15.90
CM MPD E . 9.43 -7.40 -17.56
C3 MPD E . 8.22 -8.90 -15.92
C4 MPD E . 7.21 -9.30 -17.01
O4 MPD E . 7.32 -10.71 -17.19
C5 MPD E . 5.76 -8.98 -16.62
C1 MPD F . 9.87 6.96 8.08
C2 MPD F . 10.34 6.58 9.43
O2 MPD F . 10.87 7.58 10.28
CM MPD F . 10.45 5.13 9.74
C3 MPD F . 8.89 6.68 10.02
C4 MPD F . 8.69 7.69 11.16
O4 MPD F . 9.58 7.47 12.25
C5 MPD F . 8.80 9.14 10.67
#